data_7BIQ
#
_entry.id   7BIQ
#
_cell.length_a   82.426
_cell.length_b   112.440
_cell.length_c   62.457
_cell.angle_alpha   90.000
_cell.angle_beta   90.000
_cell.angle_gamma   90.000
#
_symmetry.space_group_name_H-M   'C 2 2 21'
#
loop_
_entity.id
_entity.type
_entity.pdbx_description
1 polymer '14-3-3 protein sigma'
2 polymer 'Transcription factor p65'
3 non-polymer 4-[[(2~{R})-2-methyl-3,4-dihydro-2~{H}-quinolin-1-yl]sulfonyl]benzaldehyde
4 non-polymer 'CALCIUM ION'
5 non-polymer 'CHLORIDE ION'
6 non-polymer GLYCEROL
7 water water
#
loop_
_entity_poly.entity_id
_entity_poly.type
_entity_poly.pdbx_seq_one_letter_code
_entity_poly.pdbx_strand_id
1 'polypeptide(L)'
;GAMGSMERASLIQKAKLAEQAERYEDMAAFMKGAVEKGEELS(CSO)EERNLLSVAYKNVVGGQRAAWRVLSSIEQKSNE
EGSEEKGPEVREYREKVETELQGVCDTVLGLLDSHLIKEAGDAESRVFYLKMKGDYYRYLAEVATGDDKKRIIDSARSAY
QEAMDISKKEMPPTNPIRLGLALNFSVFHYEIANSPEEAISLAKTTFDEAMADLHTLSEDSYKDSTLIMQLLRDNLTLWT
ADNAGEEGGEAPQEPQS
;
A
2 'polypeptide(L)' EGRSAG(SEP)IPGRRS P
#
loop_
_chem_comp.id
_chem_comp.type
_chem_comp.name
_chem_comp.formula
CA non-polymer 'CALCIUM ION' 'Ca 2'
CL non-polymer 'CHLORIDE ION' 'Cl -1'
GOL non-polymer GLYCEROL 'C3 H8 O3'
TVB non-polymer 4-[[(2~{R})-2-methyl-3,4-dihydro-2~{H}-quinolin-1-yl]sulfonyl]benzaldehyde 'C17 H17 N O3 S'
#
# COMPACT_ATOMS: atom_id res chain seq x y z
N ALA A 2 -17.82 -2.72 15.65
CA ALA A 2 -18.36 -4.08 15.52
C ALA A 2 -17.56 -5.05 16.40
N MET A 3 -16.27 -4.76 16.54
CA MET A 3 -15.33 -5.52 17.35
C MET A 3 -15.16 -4.88 18.71
N GLY A 4 -16.03 -3.95 19.05
CA GLY A 4 -15.87 -3.16 20.26
C GLY A 4 -15.85 -3.98 21.53
N SER A 5 -16.53 -5.14 21.53
N SER A 5 -16.50 -5.15 21.52
CA SER A 5 -16.57 -5.96 22.73
CA SER A 5 -16.57 -6.01 22.71
C SER A 5 -15.43 -6.96 22.82
C SER A 5 -15.43 -6.99 22.82
N MET A 6 -14.57 -7.11 21.81
CA MET A 6 -13.48 -8.06 21.88
C MET A 6 -12.21 -7.40 22.36
N GLU A 7 -11.48 -8.08 23.21
CA GLU A 7 -10.17 -7.59 23.73
C GLU A 7 -9.22 -7.29 22.58
N ARG A 8 -8.40 -6.24 22.75
CA ARG A 8 -7.34 -5.95 21.78
C ARG A 8 -6.49 -7.17 21.49
N ALA A 9 -6.04 -7.86 22.54
CA ALA A 9 -5.10 -8.95 22.33
C ALA A 9 -5.76 -10.07 21.56
N SER A 10 -7.06 -10.29 21.81
CA SER A 10 -7.80 -11.32 21.07
C SER A 10 -7.97 -10.95 19.62
N LEU A 11 -8.21 -9.68 19.32
CA LEU A 11 -8.28 -9.24 17.92
C LEU A 11 -6.97 -9.48 17.21
N ILE A 12 -5.84 -9.16 17.86
CA ILE A 12 -4.54 -9.40 17.25
C ILE A 12 -4.31 -10.88 17.01
N GLN A 13 -4.63 -11.70 18.03
CA GLN A 13 -4.47 -13.14 17.86
C GLN A 13 -5.33 -13.67 16.71
N LYS A 14 -6.56 -13.21 16.63
CA LYS A 14 -7.44 -13.69 15.56
C LYS A 14 -7.01 -13.17 14.19
N ALA A 15 -6.41 -11.98 14.13
CA ALA A 15 -5.86 -11.51 12.85
C ALA A 15 -4.76 -12.45 12.37
N LYS A 16 -3.90 -12.91 13.29
CA LYS A 16 -2.85 -13.86 12.92
C LYS A 16 -3.43 -15.17 12.43
N LEU A 17 -4.47 -15.67 13.12
CA LEU A 17 -5.15 -16.89 12.68
C LEU A 17 -5.81 -16.69 11.33
N ALA A 18 -6.43 -15.55 11.12
CA ALA A 18 -7.09 -15.28 9.84
C ALA A 18 -6.07 -15.28 8.72
N GLU A 19 -4.88 -14.73 8.95
CA GLU A 19 -3.88 -14.76 7.90
C GLU A 19 -3.49 -16.21 7.58
N GLN A 20 -3.27 -17.03 8.60
CA GLN A 20 -2.92 -18.44 8.39
C GLN A 20 -4.00 -19.16 7.60
N ALA A 21 -5.26 -18.82 7.83
CA ALA A 21 -6.39 -19.45 7.13
C ALA A 21 -6.73 -18.76 5.83
N GLU A 22 -5.95 -17.75 5.43
CA GLU A 22 -6.20 -16.99 4.21
C GLU A 22 -7.58 -16.36 4.16
N ARG A 23 -8.04 -15.84 5.31
CA ARG A 23 -9.30 -15.19 5.48
C ARG A 23 -9.00 -13.69 5.65
N TYR A 24 -8.67 -13.04 4.56
CA TYR A 24 -8.14 -11.68 4.67
C TYR A 24 -9.20 -10.64 4.97
N GLU A 25 -10.45 -10.82 4.54
N GLU A 25 -10.44 -10.83 4.54
CA GLU A 25 -11.49 -9.90 4.97
CA GLU A 25 -11.49 -9.92 4.96
C GLU A 25 -11.67 -9.96 6.47
C GLU A 25 -11.67 -9.96 6.47
N ASP A 26 -11.70 -11.16 7.05
CA ASP A 26 -11.76 -11.27 8.50
C ASP A 26 -10.55 -10.58 9.12
N MET A 27 -9.37 -10.86 8.58
CA MET A 27 -8.15 -10.27 9.12
C MET A 27 -8.24 -8.77 9.17
N ALA A 28 -8.74 -8.17 8.11
CA ALA A 28 -8.86 -6.72 8.06
C ALA A 28 -9.86 -6.23 9.09
N ALA A 29 -10.99 -6.93 9.25
CA ALA A 29 -11.94 -6.52 10.26
C ALA A 29 -11.36 -6.62 11.67
N PHE A 30 -10.60 -7.66 11.97
CA PHE A 30 -9.96 -7.78 13.27
C PHE A 30 -8.99 -6.63 13.48
N MET A 31 -8.19 -6.31 12.46
CA MET A 31 -7.20 -5.24 12.61
C MET A 31 -7.85 -3.86 12.69
N LYS A 32 -8.93 -3.62 11.99
CA LYS A 32 -9.68 -2.39 12.16
C LYS A 32 -10.16 -2.27 13.60
N GLY A 33 -10.69 -3.37 14.15
CA GLY A 33 -11.09 -3.35 15.55
C GLY A 33 -9.92 -3.05 16.46
N ALA A 34 -8.76 -3.65 16.19
CA ALA A 34 -7.59 -3.39 17.04
C ALA A 34 -7.18 -1.92 16.96
N VAL A 35 -7.11 -1.34 15.76
CA VAL A 35 -6.77 0.06 15.66
C VAL A 35 -7.76 0.91 16.44
N GLU A 36 -9.03 0.59 16.34
CA GLU A 36 -10.06 1.40 16.99
C GLU A 36 -10.00 1.31 18.50
N LYS A 37 -9.21 0.43 19.09
CA LYS A 37 -9.00 0.48 20.51
C LYS A 37 -8.29 1.75 20.93
N GLY A 38 -7.59 2.42 20.01
CA GLY A 38 -7.03 3.73 20.27
C GLY A 38 -5.57 3.72 20.67
N GLU A 39 -4.97 2.56 20.92
N GLU A 39 -4.97 2.58 20.92
CA GLU A 39 -3.57 2.44 21.27
CA GLU A 39 -3.55 2.51 21.25
C GLU A 39 -2.71 2.39 19.98
C GLU A 39 -2.74 2.49 19.95
N GLU A 40 -1.49 2.90 20.07
CA GLU A 40 -0.52 2.75 18.99
C GLU A 40 -0.29 1.27 18.65
N LEU A 41 0.19 1.00 17.45
CA LEU A 41 0.50 -0.34 16.98
C LEU A 41 2.00 -0.58 16.99
N SER A 42 2.40 -1.75 17.39
CA SER A 42 3.79 -2.19 17.28
C SER A 42 4.16 -2.49 15.82
N CSO A 43 5.46 -2.73 15.60
N CSO A 43 5.45 -2.76 15.49
CA CSO A 43 5.90 -3.05 14.30
CA CSO A 43 5.84 -3.11 14.08
CB CSO A 43 7.42 -3.36 14.42
CB CSO A 43 7.37 -3.41 13.97
SG CSO A 43 8.16 -3.72 12.83
SG CSO A 43 7.96 -4.14 12.37
C CSO A 43 5.11 -4.26 13.71
C CSO A 43 5.11 -4.35 13.59
O CSO A 43 4.61 -4.20 12.60
O CSO A 43 4.68 -4.44 12.45
OD CSO A 43 7.92 -5.53 12.42
OD CSO A 43 7.82 -2.70 11.17
N GLU A 44 5.03 -5.33 14.48
CA GLU A 44 4.34 -6.53 14.04
C GLU A 44 2.87 -6.25 13.75
N GLU A 45 2.26 -5.46 14.59
CA GLU A 45 0.83 -5.13 14.40
C GLU A 45 0.61 -4.24 13.18
N ARG A 46 1.54 -3.34 12.89
CA ARG A 46 1.45 -2.55 11.65
C ARG A 46 1.52 -3.46 10.45
N ASN A 47 2.38 -4.46 10.48
CA ASN A 47 2.42 -5.40 9.38
C ASN A 47 1.13 -6.20 9.27
N LEU A 48 0.49 -6.61 10.37
CA LEU A 48 -0.82 -7.27 10.24
C LEU A 48 -1.83 -6.38 9.58
N LEU A 49 -1.88 -5.11 9.96
CA LEU A 49 -2.82 -4.17 9.36
C LEU A 49 -2.58 -4.04 7.86
N SER A 50 -1.32 -3.85 7.49
CA SER A 50 -1.01 -3.69 6.08
C SER A 50 -1.29 -4.95 5.28
N VAL A 51 -0.87 -6.11 5.76
CA VAL A 51 -1.11 -7.35 5.02
C VAL A 51 -2.60 -7.53 4.78
N ALA A 52 -3.42 -7.30 5.80
CA ALA A 52 -4.87 -7.57 5.68
C ALA A 52 -5.47 -6.70 4.57
N TYR A 53 -5.27 -5.40 4.66
CA TYR A 53 -5.92 -4.50 3.70
C TYR A 53 -5.29 -4.58 2.32
N LYS A 54 -3.97 -4.85 2.26
CA LYS A 54 -3.32 -4.97 0.96
C LYS A 54 -3.88 -6.15 0.20
N ASN A 55 -4.19 -7.25 0.90
N ASN A 55 -4.12 -7.25 0.88
CA ASN A 55 -4.75 -8.44 0.26
CA ASN A 55 -4.71 -8.39 0.23
C ASN A 55 -6.21 -8.24 -0.12
C ASN A 55 -6.15 -8.10 -0.19
N VAL A 56 -6.98 -7.55 0.72
CA VAL A 56 -8.38 -7.28 0.36
C VAL A 56 -8.43 -6.38 -0.86
N VAL A 57 -7.74 -5.23 -0.79
N VAL A 57 -7.76 -5.22 -0.80
CA VAL A 57 -7.84 -4.29 -1.91
CA VAL A 57 -7.85 -4.31 -1.95
C VAL A 57 -7.14 -4.86 -3.13
C VAL A 57 -7.15 -4.90 -3.15
N GLY A 58 -6.10 -5.68 -2.97
CA GLY A 58 -5.46 -6.30 -4.11
C GLY A 58 -6.41 -7.20 -4.87
N GLY A 59 -7.25 -7.95 -4.18
CA GLY A 59 -8.26 -8.75 -4.88
C GLY A 59 -9.30 -7.89 -5.57
N GLN A 60 -9.72 -6.80 -4.95
CA GLN A 60 -10.68 -5.92 -5.59
C GLN A 60 -10.08 -5.30 -6.84
N ARG A 61 -8.81 -4.84 -6.76
CA ARG A 61 -8.14 -4.26 -7.92
C ARG A 61 -8.09 -5.26 -9.06
N ALA A 62 -7.72 -6.49 -8.77
CA ALA A 62 -7.63 -7.48 -9.84
C ALA A 62 -9.00 -7.70 -10.47
N ALA A 63 -10.06 -7.75 -9.68
CA ALA A 63 -11.40 -7.94 -10.24
C ALA A 63 -11.84 -6.74 -11.03
N TRP A 64 -11.54 -5.53 -10.54
CA TRP A 64 -11.86 -4.30 -11.27
C TRP A 64 -11.16 -4.28 -12.62
N ARG A 65 -9.91 -4.77 -12.69
N ARG A 65 -9.91 -4.71 -12.67
CA ARG A 65 -9.13 -4.78 -13.94
CA ARG A 65 -9.21 -4.71 -13.92
C ARG A 65 -9.67 -5.82 -14.93
C ARG A 65 -9.85 -5.67 -14.90
N VAL A 66 -10.22 -6.89 -14.44
CA VAL A 66 -10.89 -7.84 -15.33
C VAL A 66 -12.16 -7.22 -15.88
N LEU A 67 -12.98 -6.64 -15.03
CA LEU A 67 -14.25 -6.08 -15.46
C LEU A 67 -14.05 -4.88 -16.37
N SER A 68 -13.09 -4.00 -16.04
N SER A 68 -13.06 -4.04 -16.09
CA SER A 68 -12.82 -2.81 -16.85
CA SER A 68 -12.82 -2.87 -16.93
C SER A 68 -12.32 -3.21 -18.25
C SER A 68 -12.41 -3.30 -18.31
N SER A 69 -11.57 -4.31 -18.37
CA SER A 69 -11.14 -4.82 -19.68
C SER A 69 -12.33 -5.30 -20.47
N ILE A 70 -13.24 -6.04 -19.84
CA ILE A 70 -14.45 -6.50 -20.55
C ILE A 70 -15.27 -5.31 -20.98
N GLU A 71 -15.43 -4.32 -20.11
CA GLU A 71 -16.22 -3.14 -20.42
C GLU A 71 -15.62 -2.36 -21.58
N GLN A 72 -14.30 -2.21 -21.60
CA GLN A 72 -13.68 -1.47 -22.70
C GLN A 72 -13.84 -2.21 -24.03
N LYS A 73 -13.72 -3.53 -24.03
CA LYS A 73 -13.94 -4.29 -25.25
C LYS A 73 -15.38 -4.15 -25.74
N SER A 74 -16.35 -4.17 -24.82
CA SER A 74 -17.74 -3.98 -25.21
C SER A 74 -18.01 -2.60 -25.79
N ASN A 75 -17.12 -1.64 -25.56
CA ASN A 75 -17.30 -0.28 -26.07
C ASN A 75 -16.42 -0.03 -27.29
N GLU A 80 -21.04 -5.39 -30.07
CA GLU A 80 -22.44 -5.66 -29.75
C GLU A 80 -22.86 -5.09 -28.40
N GLU A 81 -24.11 -4.62 -28.32
CA GLU A 81 -24.63 -4.00 -27.11
C GLU A 81 -24.91 -5.08 -26.08
N LYS A 82 -24.13 -5.10 -25.00
CA LYS A 82 -24.30 -6.08 -23.94
C LYS A 82 -25.30 -5.65 -22.88
N GLY A 83 -25.85 -4.43 -22.98
CA GLY A 83 -26.69 -3.90 -21.94
C GLY A 83 -25.85 -3.23 -20.87
N PRO A 84 -26.51 -2.73 -19.82
CA PRO A 84 -25.78 -2.01 -18.77
C PRO A 84 -25.02 -2.91 -17.79
N GLU A 85 -25.08 -4.24 -17.87
CA GLU A 85 -24.64 -5.08 -16.76
C GLU A 85 -23.14 -5.00 -16.49
N VAL A 86 -22.30 -5.00 -17.52
CA VAL A 86 -20.86 -4.96 -17.26
C VAL A 86 -20.47 -3.66 -16.56
N ARG A 87 -21.00 -2.55 -17.06
CA ARG A 87 -20.70 -1.28 -16.40
C ARG A 87 -21.26 -1.27 -14.99
N GLU A 88 -22.49 -1.77 -14.79
CA GLU A 88 -23.05 -1.77 -13.45
C GLU A 88 -22.20 -2.60 -12.51
N TYR A 89 -21.76 -3.76 -12.96
CA TYR A 89 -21.00 -4.61 -12.06
C TYR A 89 -19.60 -4.05 -11.81
N ARG A 90 -18.95 -3.50 -12.82
CA ARG A 90 -17.68 -2.80 -12.60
C ARG A 90 -17.86 -1.69 -11.61
N GLU A 91 -18.96 -0.93 -11.70
CA GLU A 91 -19.24 0.13 -10.76
C GLU A 91 -19.43 -0.40 -9.37
N LYS A 92 -20.10 -1.54 -9.24
CA LYS A 92 -20.29 -2.13 -7.91
C LYS A 92 -18.94 -2.48 -7.27
N VAL A 93 -18.09 -3.16 -8.02
CA VAL A 93 -16.78 -3.52 -7.49
C VAL A 93 -15.97 -2.26 -7.19
N GLU A 94 -16.07 -1.25 -8.05
CA GLU A 94 -15.34 0.00 -7.85
C GLU A 94 -15.78 0.70 -6.56
N THR A 95 -17.09 0.71 -6.29
CA THR A 95 -17.60 1.34 -5.08
C THR A 95 -17.11 0.60 -3.84
N GLU A 96 -17.06 -0.74 -3.89
N GLU A 96 -17.12 -0.73 -3.92
CA GLU A 96 -16.58 -1.48 -2.71
CA GLU A 96 -16.61 -1.51 -2.81
C GLU A 96 -15.08 -1.28 -2.50
C GLU A 96 -15.15 -1.17 -2.53
N LEU A 97 -14.33 -1.18 -3.60
CA LEU A 97 -12.90 -0.84 -3.50
C LEU A 97 -12.71 0.53 -2.88
N GLN A 98 -13.45 1.52 -3.37
CA GLN A 98 -13.34 2.86 -2.80
C GLN A 98 -13.69 2.84 -1.33
N GLY A 99 -14.71 2.07 -0.96
CA GLY A 99 -15.08 1.99 0.45
C GLY A 99 -13.97 1.45 1.34
N VAL A 100 -13.27 0.42 0.89
CA VAL A 100 -12.16 -0.12 1.65
C VAL A 100 -11.05 0.90 1.75
N CYS A 101 -10.71 1.56 0.63
CA CYS A 101 -9.67 2.59 0.70
C CYS A 101 -10.05 3.69 1.65
N ASP A 102 -11.30 4.14 1.60
CA ASP A 102 -11.75 5.17 2.53
C ASP A 102 -11.64 4.70 3.97
N THR A 103 -11.95 3.44 4.22
CA THR A 103 -11.83 2.91 5.59
C THR A 103 -10.37 2.96 6.05
N VAL A 104 -9.45 2.50 5.22
CA VAL A 104 -8.02 2.53 5.60
C VAL A 104 -7.56 3.96 5.83
N LEU A 105 -7.89 4.86 4.90
CA LEU A 105 -7.50 6.25 5.06
C LEU A 105 -8.09 6.81 6.34
N GLY A 106 -9.33 6.41 6.67
CA GLY A 106 -9.93 6.90 7.90
C GLY A 106 -9.20 6.40 9.15
N LEU A 107 -8.72 5.18 9.16
CA LEU A 107 -7.91 4.69 10.30
C LEU A 107 -6.61 5.48 10.41
N LEU A 108 -5.98 5.76 9.23
CA LEU A 108 -4.73 6.50 9.28
C LEU A 108 -4.96 7.91 9.80
N ASP A 109 -6.07 8.54 9.42
CA ASP A 109 -6.37 9.88 9.86
C ASP A 109 -6.96 9.93 11.27
N SER A 110 -7.44 8.86 11.80
CA SER A 110 -8.12 8.86 13.10
C SER A 110 -7.71 7.59 13.84
N HIS A 111 -6.52 7.55 14.45
CA HIS A 111 -5.56 8.66 14.61
C HIS A 111 -4.15 8.15 14.50
N LEU A 112 -3.93 7.17 13.59
CA LEU A 112 -2.63 6.52 13.57
C LEU A 112 -1.50 7.49 13.24
N ILE A 113 -1.66 8.26 12.18
CA ILE A 113 -0.56 9.13 11.76
C ILE A 113 -0.24 10.17 12.83
N LYS A 114 -1.26 10.80 13.40
CA LYS A 114 -0.95 11.90 14.32
C LYS A 114 -0.26 11.41 15.57
N GLU A 115 -0.43 10.18 15.98
N GLU A 115 -0.48 10.14 15.95
CA GLU A 115 0.31 9.78 17.16
CA GLU A 115 0.08 9.48 17.13
C GLU A 115 1.63 9.14 16.84
C GLU A 115 1.43 8.83 16.84
N ALA A 116 1.92 8.88 15.57
CA ALA A 116 3.18 8.22 15.17
C ALA A 116 4.35 9.21 15.14
N GLY A 117 5.24 9.08 16.08
CA GLY A 117 6.38 10.00 16.24
C GLY A 117 7.69 9.39 15.80
N ASP A 118 7.81 8.09 15.92
CA ASP A 118 9.07 7.49 15.49
C ASP A 118 9.10 7.38 13.99
N ALA A 119 10.29 7.52 13.43
CA ALA A 119 10.36 7.55 11.99
C ALA A 119 9.81 6.27 11.38
N GLU A 120 10.05 5.11 11.99
CA GLU A 120 9.60 3.87 11.40
C GLU A 120 8.09 3.83 11.34
N SER A 121 7.40 4.23 12.39
CA SER A 121 5.94 4.18 12.36
C SER A 121 5.40 5.23 11.42
N ARG A 122 5.89 6.48 11.50
CA ARG A 122 5.34 7.54 10.72
C ARG A 122 5.53 7.31 9.24
N VAL A 123 6.71 6.87 8.82
CA VAL A 123 6.96 6.57 7.42
C VAL A 123 6.04 5.45 6.97
N PHE A 124 5.92 4.39 7.76
CA PHE A 124 5.03 3.28 7.40
C PHE A 124 3.62 3.77 7.11
N TYR A 125 3.06 4.58 8.01
CA TYR A 125 1.68 5.01 7.82
C TYR A 125 1.53 5.98 6.66
N LEU A 126 2.49 6.88 6.45
CA LEU A 126 2.39 7.80 5.32
C LEU A 126 2.57 7.07 3.98
N LYS A 127 3.39 6.01 3.95
CA LYS A 127 3.47 5.14 2.78
C LYS A 127 2.12 4.49 2.52
N MET A 128 1.48 3.97 3.56
CA MET A 128 0.14 3.40 3.39
C MET A 128 -0.83 4.45 2.87
N LYS A 129 -0.78 5.66 3.42
CA LYS A 129 -1.68 6.70 2.93
C LYS A 129 -1.47 6.94 1.45
N GLY A 130 -0.20 7.05 1.03
CA GLY A 130 0.08 7.19 -0.39
C GLY A 130 -0.49 6.04 -1.21
N ASP A 131 -0.32 4.80 -0.72
CA ASP A 131 -0.80 3.64 -1.45
C ASP A 131 -2.32 3.66 -1.61
N TYR A 132 -3.07 4.00 -0.54
CA TYR A 132 -4.54 3.89 -0.69
C TYR A 132 -5.08 5.05 -1.51
N TYR A 133 -4.45 6.22 -1.46
CA TYR A 133 -4.81 7.24 -2.48
C TYR A 133 -4.42 6.78 -3.87
N ARG A 134 -3.30 6.10 -4.04
CA ARG A 134 -2.96 5.57 -5.35
C ARG A 134 -4.01 4.59 -5.86
N TYR A 135 -4.49 3.68 -5.00
CA TYR A 135 -5.55 2.78 -5.43
C TYR A 135 -6.83 3.53 -5.78
N LEU A 136 -7.17 4.59 -5.05
CA LEU A 136 -8.30 5.42 -5.45
C LEU A 136 -8.02 6.07 -6.81
N ALA A 137 -6.77 6.50 -7.07
CA ALA A 137 -6.45 7.14 -8.34
C ALA A 137 -6.54 6.19 -9.49
N GLU A 138 -6.28 4.90 -9.29
CA GLU A 138 -6.36 3.95 -10.38
C GLU A 138 -7.76 3.88 -10.98
N VAL A 139 -8.80 4.15 -10.19
CA VAL A 139 -10.19 4.03 -10.67
C VAL A 139 -10.84 5.37 -10.85
N ALA A 140 -10.15 6.46 -10.55
CA ALA A 140 -10.74 7.80 -10.60
C ALA A 140 -10.78 8.34 -12.02
N THR A 141 -11.88 9.07 -12.29
CA THR A 141 -12.28 9.64 -13.59
C THR A 141 -13.10 10.92 -13.47
N GLY A 142 -13.42 11.39 -12.28
CA GLY A 142 -14.31 12.54 -12.06
C GLY A 142 -13.55 13.83 -11.78
N ASP A 143 -14.25 14.79 -11.16
CA ASP A 143 -13.67 16.11 -10.88
C ASP A 143 -12.58 16.09 -9.82
N ASP A 144 -12.45 15.00 -9.07
CA ASP A 144 -11.52 14.95 -7.95
C ASP A 144 -10.27 14.15 -8.28
N LYS A 145 -10.12 13.66 -9.52
CA LYS A 145 -8.98 12.80 -9.89
C LYS A 145 -7.63 13.48 -9.62
N LYS A 146 -7.52 14.72 -10.06
CA LYS A 146 -6.27 15.44 -9.82
C LYS A 146 -5.99 15.57 -8.35
N ARG A 147 -6.99 15.92 -7.53
CA ARG A 147 -6.80 16.06 -6.10
C ARG A 147 -6.44 14.71 -5.49
N ILE A 148 -6.99 13.58 -5.99
CA ILE A 148 -6.64 12.27 -5.42
C ILE A 148 -5.19 11.96 -5.71
N ILE A 149 -4.73 12.22 -6.94
CA ILE A 149 -3.34 12.03 -7.30
C ILE A 149 -2.43 12.90 -6.45
N ASP A 150 -2.83 14.15 -6.23
CA ASP A 150 -2.01 15.00 -5.40
C ASP A 150 -1.95 14.55 -3.97
N SER A 151 -3.05 14.00 -3.44
CA SER A 151 -3.02 13.49 -2.09
C SER A 151 -2.07 12.31 -1.96
N ALA A 152 -2.03 11.44 -2.97
CA ALA A 152 -1.05 10.34 -2.91
C ALA A 152 0.36 10.89 -2.93
N ARG A 153 0.64 11.78 -3.88
N ARG A 153 0.62 11.80 -3.86
CA ARG A 153 1.96 12.36 -4.02
CA ARG A 153 1.93 12.41 -4.01
C ARG A 153 2.41 13.03 -2.73
C ARG A 153 2.38 13.01 -2.70
N SER A 154 1.52 13.79 -2.09
CA SER A 154 1.91 14.52 -0.88
C SER A 154 2.24 13.58 0.27
N ALA A 155 1.46 12.50 0.43
CA ALA A 155 1.76 11.52 1.48
C ALA A 155 3.09 10.84 1.21
N TYR A 156 3.28 10.36 -0.02
CA TYR A 156 4.57 9.73 -0.33
C TYR A 156 5.72 10.68 -0.13
N GLN A 157 5.55 11.95 -0.52
CA GLN A 157 6.66 12.92 -0.39
C GLN A 157 7.01 13.17 1.07
N GLU A 158 6.03 13.32 1.94
CA GLU A 158 6.35 13.50 3.34
C GLU A 158 7.07 12.27 3.88
N ALA A 159 6.62 11.06 3.50
CA ALA A 159 7.30 9.84 3.94
C ALA A 159 8.73 9.81 3.44
N MET A 160 8.94 10.23 2.19
CA MET A 160 10.29 10.23 1.62
C MET A 160 11.19 11.18 2.38
N ASP A 161 10.67 12.36 2.67
CA ASP A 161 11.52 13.35 3.34
C ASP A 161 11.95 12.84 4.71
N ILE A 162 11.02 12.21 5.48
CA ILE A 162 11.40 11.67 6.77
C ILE A 162 12.38 10.53 6.58
N SER A 163 12.11 9.62 5.64
CA SER A 163 12.96 8.45 5.48
C SER A 163 14.39 8.84 5.15
N LYS A 164 14.57 9.87 4.31
CA LYS A 164 15.92 10.22 3.93
C LYS A 164 16.67 10.87 5.08
N LYS A 165 15.98 11.54 5.97
CA LYS A 165 16.64 12.13 7.13
C LYS A 165 16.92 11.14 8.24
N GLU A 166 16.05 10.13 8.44
CA GLU A 166 16.02 9.34 9.65
C GLU A 166 16.38 7.89 9.47
N MET A 167 16.43 7.34 8.26
CA MET A 167 16.69 5.92 8.08
C MET A 167 17.87 5.73 7.15
N PRO A 168 18.59 4.63 7.31
CA PRO A 168 19.67 4.32 6.38
C PRO A 168 19.08 3.92 5.04
N PRO A 169 19.87 4.00 3.98
CA PRO A 169 19.36 3.73 2.65
C PRO A 169 18.98 2.30 2.40
N THR A 170 19.37 1.35 3.26
CA THR A 170 18.95 -0.03 3.14
C THR A 170 17.72 -0.36 3.99
N ASN A 171 17.22 0.59 4.77
CA ASN A 171 16.09 0.23 5.63
C ASN A 171 14.93 -0.31 4.80
N PRO A 172 14.35 -1.45 5.16
CA PRO A 172 13.31 -2.03 4.28
C PRO A 172 12.08 -1.15 4.09
N ILE A 173 11.69 -0.40 5.12
CA ILE A 173 10.55 0.51 4.96
C ILE A 173 10.91 1.63 3.97
N ARG A 174 12.09 2.23 4.12
CA ARG A 174 12.54 3.24 3.15
C ARG A 174 12.59 2.66 1.74
N LEU A 175 13.07 1.43 1.59
CA LEU A 175 13.14 0.84 0.27
C LEU A 175 11.77 0.58 -0.31
N GLY A 176 10.86 0.02 0.51
CA GLY A 176 9.52 -0.27 0.02
C GLY A 176 8.76 1.00 -0.34
N LEU A 177 8.95 2.05 0.46
CA LEU A 177 8.37 3.35 0.13
C LEU A 177 8.84 3.83 -1.23
N ALA A 178 10.17 3.79 -1.47
CA ALA A 178 10.71 4.22 -2.75
C ALA A 178 10.17 3.38 -3.88
N LEU A 179 10.09 2.06 -3.69
CA LEU A 179 9.49 1.18 -4.68
C LEU A 179 8.09 1.64 -5.05
N ASN A 180 7.25 1.82 -4.03
CA ASN A 180 5.85 2.19 -4.28
C ASN A 180 5.72 3.57 -4.87
N PHE A 181 6.51 4.54 -4.40
CA PHE A 181 6.44 5.88 -4.98
C PHE A 181 6.91 5.86 -6.43
N SER A 182 7.84 4.98 -6.77
N SER A 182 7.91 5.02 -6.75
CA SER A 182 8.27 4.89 -8.15
CA SER A 182 8.29 4.89 -8.14
C SER A 182 7.22 4.22 -9.04
C SER A 182 7.14 4.36 -8.97
N VAL A 183 6.42 3.33 -8.47
CA VAL A 183 5.23 2.82 -9.18
C VAL A 183 4.20 3.92 -9.36
N PHE A 184 3.95 4.73 -8.34
CA PHE A 184 3.09 5.90 -8.47
C PHE A 184 3.54 6.77 -9.64
N HIS A 185 4.84 7.12 -9.69
CA HIS A 185 5.31 8.00 -10.78
C HIS A 185 5.04 7.35 -12.13
N TYR A 186 5.30 6.08 -12.27
CA TYR A 186 5.19 5.44 -13.59
C TYR A 186 3.75 5.23 -13.98
N GLU A 187 2.93 4.75 -13.06
CA GLU A 187 1.60 4.23 -13.43
C GLU A 187 0.52 5.27 -13.22
N ILE A 188 0.68 6.23 -12.36
CA ILE A 188 -0.36 7.18 -11.99
C ILE A 188 -0.03 8.58 -12.50
N ALA A 189 1.19 9.04 -12.23
CA ALA A 189 1.56 10.42 -12.49
C ALA A 189 2.10 10.62 -13.89
N ASN A 190 2.15 9.62 -14.72
CA ASN A 190 2.67 9.79 -16.09
C ASN A 190 4.08 10.37 -16.11
N SER A 191 4.92 9.91 -15.18
CA SER A 191 6.28 10.43 -15.00
C SER A 191 7.25 9.27 -15.04
N PRO A 192 7.35 8.55 -16.16
CA PRO A 192 8.24 7.38 -16.18
C PRO A 192 9.69 7.72 -15.92
N GLU A 193 10.18 8.86 -16.38
CA GLU A 193 11.57 9.20 -16.09
C GLU A 193 11.78 9.39 -14.60
N GLU A 194 10.88 10.06 -13.90
CA GLU A 194 11.00 10.20 -12.46
C GLU A 194 10.99 8.83 -11.78
N ALA A 195 10.13 7.94 -12.24
CA ALA A 195 10.04 6.60 -11.70
C ALA A 195 11.37 5.86 -11.85
N ILE A 196 11.95 5.91 -13.05
CA ILE A 196 13.22 5.24 -13.30
C ILE A 196 14.34 5.86 -12.48
N SER A 197 14.41 7.19 -12.47
N SER A 197 14.38 7.19 -12.39
CA SER A 197 15.43 7.85 -11.67
CA SER A 197 15.45 7.84 -11.64
C SER A 197 15.35 7.40 -10.22
C SER A 197 15.35 7.56 -10.13
N LEU A 198 14.13 7.48 -9.62
CA LEU A 198 13.97 7.13 -8.22
C LEU A 198 14.38 5.67 -7.97
N ALA A 199 13.95 4.76 -8.82
CA ALA A 199 14.31 3.38 -8.59
C ALA A 199 15.82 3.17 -8.68
N LYS A 200 16.44 3.77 -9.72
N LYS A 200 16.48 3.78 -9.67
CA LYS A 200 17.90 3.73 -9.91
CA LYS A 200 17.93 3.57 -9.80
C LYS A 200 18.64 4.19 -8.68
C LYS A 200 18.73 4.24 -8.67
N THR A 201 18.39 5.45 -8.29
CA THR A 201 19.14 6.06 -7.21
C THR A 201 18.90 5.31 -5.91
N THR A 202 17.67 4.84 -5.68
CA THR A 202 17.40 4.05 -4.48
C THR A 202 18.23 2.78 -4.47
N PHE A 203 18.21 2.05 -5.59
CA PHE A 203 18.96 0.81 -5.69
C PHE A 203 20.44 1.05 -5.44
N ASP A 204 21.02 2.09 -6.07
CA ASP A 204 22.45 2.30 -5.99
C ASP A 204 22.87 2.74 -4.60
N GLU A 205 22.09 3.55 -3.93
CA GLU A 205 22.42 3.98 -2.59
C GLU A 205 22.26 2.84 -1.60
N ALA A 206 21.32 1.93 -1.83
CA ALA A 206 21.21 0.76 -0.98
C ALA A 206 22.40 -0.16 -1.19
N MET A 207 22.78 -0.39 -2.43
CA MET A 207 23.93 -1.24 -2.72
C MET A 207 25.15 -0.81 -1.95
N ALA A 208 25.40 0.48 -1.91
CA ALA A 208 26.58 1.04 -1.27
C ALA A 208 26.54 0.94 0.25
N ASP A 209 25.39 0.63 0.86
CA ASP A 209 25.25 0.50 2.30
C ASP A 209 25.12 -0.96 2.74
N LEU A 210 25.05 -1.91 1.81
CA LEU A 210 24.88 -3.31 2.20
C LEU A 210 26.00 -3.81 3.10
N HIS A 211 27.21 -3.25 2.96
CA HIS A 211 28.37 -3.73 3.71
C HIS A 211 28.17 -3.57 5.20
N THR A 212 27.24 -2.70 5.63
CA THR A 212 27.04 -2.47 7.05
C THR A 212 26.13 -3.50 7.70
N LEU A 213 25.51 -4.38 6.96
CA LEU A 213 24.37 -5.17 7.41
C LEU A 213 24.77 -6.59 7.82
N SER A 214 24.03 -7.11 8.80
CA SER A 214 24.06 -8.54 9.10
C SER A 214 23.51 -9.37 7.95
N GLU A 215 23.69 -10.70 8.02
CA GLU A 215 23.17 -11.59 6.99
C GLU A 215 21.66 -11.46 6.85
N ASP A 216 20.93 -11.39 7.97
CA ASP A 216 19.47 -11.35 7.83
C ASP A 216 19.01 -9.98 7.29
N SER A 217 19.61 -8.90 7.78
CA SER A 217 19.26 -7.57 7.21
C SER A 217 19.61 -7.48 5.73
N TYR A 218 20.76 -8.06 5.36
CA TYR A 218 21.16 -8.10 3.95
C TYR A 218 20.11 -8.80 3.12
N LYS A 219 19.62 -9.95 3.60
CA LYS A 219 18.61 -10.66 2.84
C LYS A 219 17.36 -9.80 2.62
N ASP A 220 16.96 -9.06 3.66
CA ASP A 220 15.77 -8.24 3.51
C ASP A 220 15.99 -7.11 2.52
N SER A 221 17.10 -6.40 2.65
CA SER A 221 17.34 -5.26 1.78
C SER A 221 17.52 -5.71 0.34
N THR A 222 18.25 -6.81 0.11
CA THR A 222 18.46 -7.25 -1.26
C THR A 222 17.17 -7.75 -1.88
N LEU A 223 16.26 -8.33 -1.10
CA LEU A 223 14.99 -8.74 -1.67
C LEU A 223 14.27 -7.53 -2.29
N ILE A 224 14.21 -6.41 -1.58
CA ILE A 224 13.50 -5.24 -2.12
C ILE A 224 14.30 -4.60 -3.22
N MET A 225 15.64 -4.63 -3.13
CA MET A 225 16.45 -4.15 -4.24
C MET A 225 16.13 -4.91 -5.52
N GLN A 226 15.90 -6.22 -5.41
CA GLN A 226 15.57 -6.97 -6.62
C GLN A 226 14.23 -6.59 -7.18
N LEU A 227 13.25 -6.23 -6.33
CA LEU A 227 11.98 -5.70 -6.83
C LEU A 227 12.19 -4.40 -7.58
N LEU A 228 13.05 -3.51 -7.06
CA LEU A 228 13.37 -2.29 -7.79
C LEU A 228 13.97 -2.63 -9.15
N ARG A 229 14.94 -3.56 -9.15
CA ARG A 229 15.59 -3.97 -10.40
C ARG A 229 14.59 -4.60 -11.36
N ASP A 230 13.66 -5.39 -10.86
CA ASP A 230 12.64 -5.99 -11.75
C ASP A 230 11.84 -4.91 -12.45
N ASN A 231 11.48 -3.84 -11.72
CA ASN A 231 10.73 -2.78 -12.36
C ASN A 231 11.61 -2.06 -13.36
N LEU A 232 12.85 -1.77 -13.00
CA LEU A 232 13.75 -1.11 -13.95
C LEU A 232 13.91 -1.92 -15.23
N THR A 233 14.00 -3.24 -15.13
CA THR A 233 14.09 -4.07 -16.34
C THR A 233 12.82 -3.98 -17.17
N LEU A 234 11.66 -3.97 -16.52
CA LEU A 234 10.40 -3.79 -17.23
C LEU A 234 10.31 -2.44 -17.92
N TRP A 235 10.88 -1.38 -17.33
CA TRP A 235 10.65 -0.03 -17.79
C TRP A 235 11.72 0.46 -18.75
N THR A 236 12.78 -0.32 -18.95
CA THR A 236 13.90 0.15 -19.78
C THR A 236 14.28 -0.90 -20.81
N ALA B 5 4.35 -3.16 -13.34
CA ALA B 5 5.34 -3.03 -12.27
C ALA B 5 4.82 -3.48 -10.92
N GLY B 6 5.71 -4.02 -10.10
CA GLY B 6 5.32 -4.52 -8.80
C GLY B 6 5.59 -3.55 -7.68
N SEP B 7 4.64 -3.51 -6.74
CA SEP B 7 4.76 -2.78 -5.49
CB SEP B 7 3.47 -2.01 -5.23
OG SEP B 7 2.43 -3.01 -5.17
C SEP B 7 5.16 -3.70 -4.34
O SEP B 7 5.30 -4.94 -4.56
P SEP B 7 0.89 -2.48 -5.21
O1P SEP B 7 0.08 -3.80 -5.10
O2P SEP B 7 0.65 -1.76 -6.48
O3P SEP B 7 0.73 -1.60 -3.98
N ILE B 8 5.36 -3.19 -3.18
CA ILE B 8 5.85 -4.03 -2.11
C ILE B 8 4.81 -5.09 -1.71
N PRO B 9 5.20 -6.34 -1.47
CA PRO B 9 4.22 -7.34 -1.02
C PRO B 9 3.97 -7.19 0.47
N GLY B 10 2.86 -7.81 0.94
CA GLY B 10 2.57 -7.76 2.37
C GLY B 10 3.52 -8.58 3.24
N ARG B 11 3.99 -9.72 2.71
CA ARG B 11 4.96 -10.57 3.36
C ARG B 11 6.13 -10.80 2.39
N ARG B 12 7.24 -11.25 2.95
CA ARG B 12 8.45 -11.44 2.11
C ARG B 12 8.22 -12.36 0.91
N SER B 13 7.36 -13.36 1.04
CA SER B 13 7.09 -14.27 -0.06
C SER B 13 6.23 -13.62 -1.14
C01 TVB C . 7.05 -8.15 6.20
C02 TVB C . 7.36 -6.99 5.25
C03 TVB C . 7.00 -7.43 3.84
C04 TVB C . 7.76 -6.65 2.76
C05 TVB C . 9.28 -6.93 3.07
C06 TVB C . 10.15 -7.28 2.00
C07 TVB C . 11.50 -7.55 2.34
C08 TVB C . 11.93 -7.47 3.65
C09 TVB C . 11.05 -7.15 4.73
C10 TVB C . 9.71 -6.88 4.38
C14 TVB C . 8.27 -3.87 5.35
C15 TVB C . 9.01 -3.23 4.32
C16 TVB C . 8.35 -2.23 3.58
C17 TVB C . 7.04 -1.85 3.90
C18 TVB C . 6.32 -2.50 4.90
C19 TVB C . 6.95 -3.49 5.65
C20 TVB C . 6.18 -0.82 3.15
N11 TVB C . 8.76 -6.52 5.40
O13 TVB C . 8.30 -5.30 7.55
O22 TVB C . 10.43 -4.90 6.41
S12 TVB C . 8.99 -5.14 6.27
CA CA D . 3.48 8.18 19.64
CA CA E . -9.13 -4.46 27.34
CA CA F . -23.24 -7.82 -34.49
CL CL G . -14.24 -14.90 16.36
C1 GOL H . 7.90 13.69 11.43
O1 GOL H . 8.41 14.75 10.69
C2 GOL H . 9.08 13.00 12.16
O2 GOL H . 10.26 13.08 11.46
C3 GOL H . 8.65 11.53 12.38
O3 GOL H . 9.74 10.88 12.94
CL CL I . 7.54 -12.29 5.93
#